data_7KL6
#
_entry.id   7KL6
#
_cell.length_a   40.221
_cell.length_b   51.488
_cell.length_c   82.879
_cell.angle_alpha   90.000
_cell.angle_beta   96.214
_cell.angle_gamma   90.000
#
_symmetry.space_group_name_H-M   'P 1 21 1'
#
loop_
_entity.id
_entity.type
_entity.pdbx_description
1 polymer Phosphoribosyltransferase
2 non-polymer '(3-{[(4-oxo-4,5-dihydro-3H-pyrrolo[3,2-d]pyrimidin-7-yl)methyl]amino}propyl)phosphonic acid'
3 non-polymer 'SULFATE ION'
4 water water
#
_entity_poly.entity_id   1
_entity_poly.type   'polypeptide(L)'
_entity_poly.pdbx_seq_one_letter_code
;MHHHHHHHYSYETFLKDSLELVKQVEQICGVPEALVCVMRGGMTLTHFLSLHWDLREVYGINAISYDTTHRQNALKIENI
PTIKDHLKTILVVDEIVDSGNSLEAVLKVLQDKHPDKKFYSASLFQKTSAKYKADAFLKDAPEWIDFFWEVDLKNLKSH
;
_entity_poly.pdbx_strand_id   A,B
#
# COMPACT_ATOMS: atom_id res chain seq x y z
N HIS A 5 26.01 -11.50 -5.74
CA HIS A 5 25.69 -10.33 -6.55
C HIS A 5 24.19 -9.99 -6.50
N HIS A 6 23.33 -10.98 -6.76
CA HIS A 6 21.89 -10.77 -6.78
C HIS A 6 21.32 -10.94 -5.37
N HIS A 7 20.76 -9.87 -4.82
CA HIS A 7 20.18 -9.90 -3.48
C HIS A 7 18.67 -10.10 -3.58
N HIS A 8 18.17 -11.16 -2.95
CA HIS A 8 16.74 -11.29 -2.67
C HIS A 8 16.48 -10.63 -1.33
N TYR A 9 15.67 -9.57 -1.32
CA TYR A 9 15.24 -8.91 -0.09
C TYR A 9 13.98 -9.60 0.41
N SER A 10 14.09 -10.31 1.52
CA SER A 10 13.04 -11.20 1.98
C SER A 10 12.08 -10.49 2.92
N TYR A 11 10.92 -11.12 3.11
CA TYR A 11 9.95 -10.63 4.09
C TYR A 11 10.58 -10.54 5.48
N GLU A 12 11.37 -11.55 5.86
CA GLU A 12 11.98 -11.57 7.18
C GLU A 12 12.96 -10.40 7.36
N THR A 13 13.76 -10.11 6.33
CA THR A 13 14.66 -8.96 6.43
C THR A 13 13.88 -7.66 6.51
N PHE A 14 12.78 -7.57 5.76
CA PHE A 14 11.94 -6.39 5.76
C PHE A 14 11.35 -6.14 7.15
N LEU A 15 10.93 -7.20 7.86
CA LEU A 15 10.40 -7.02 9.22
C LEU A 15 11.45 -6.39 10.14
N LYS A 16 12.66 -6.95 10.15
N LYS A 16 12.65 -6.95 10.14
CA LYS A 16 13.70 -6.41 11.02
CA LYS A 16 13.72 -6.43 11.00
C LYS A 16 14.06 -4.98 10.62
C LYS A 16 14.08 -4.99 10.62
N ASP A 17 14.16 -4.71 9.32
CA ASP A 17 14.47 -3.36 8.86
C ASP A 17 13.37 -2.39 9.24
N SER A 18 12.11 -2.81 9.17
CA SER A 18 11.02 -1.89 9.47
C SER A 18 11.06 -1.39 10.91
N LEU A 19 11.38 -2.27 11.86
CA LEU A 19 11.58 -1.82 13.25
C LEU A 19 12.70 -0.82 13.37
N GLU A 20 13.79 -1.03 12.64
CA GLU A 20 14.92 -0.10 12.73
C GLU A 20 14.56 1.24 12.10
N LEU A 21 13.84 1.20 10.97
CA LEU A 21 13.37 2.43 10.35
C LEU A 21 12.49 3.23 11.30
N VAL A 22 11.56 2.57 12.00
CA VAL A 22 10.73 3.24 13.00
C VAL A 22 11.61 3.95 14.03
N LYS A 23 12.59 3.22 14.56
CA LYS A 23 13.50 3.79 15.54
C LYS A 23 14.21 5.02 14.99
N GLN A 24 14.76 4.90 13.79
CA GLN A 24 15.51 6.01 13.22
C GLN A 24 14.60 7.22 12.93
N VAL A 25 13.40 6.98 12.42
CA VAL A 25 12.46 8.07 12.15
C VAL A 25 12.10 8.81 13.43
N GLU A 26 11.77 8.06 14.50
CA GLU A 26 11.37 8.71 15.74
C GLU A 26 12.48 9.56 16.32
N GLN A 27 13.73 9.11 16.16
CA GLN A 27 14.85 9.92 16.62
C GLN A 27 14.92 11.27 15.91
N ILE A 28 14.41 11.35 14.68
CA ILE A 28 14.58 12.54 13.84
C ILE A 28 13.37 13.47 13.89
N CYS A 29 12.16 12.94 13.81
CA CYS A 29 10.98 13.80 13.86
C CYS A 29 9.93 13.33 14.86
N GLY A 30 10.27 12.38 15.75
CA GLY A 30 9.24 11.78 16.60
C GLY A 30 8.28 10.92 15.76
N VAL A 31 7.19 10.52 16.39
CA VAL A 31 6.20 9.74 15.64
C VAL A 31 5.52 10.66 14.64
N PRO A 32 5.40 10.25 13.37
CA PRO A 32 4.73 11.10 12.38
C PRO A 32 3.25 11.22 12.70
N GLU A 33 2.62 12.27 12.16
CA GLU A 33 1.19 12.42 12.28
C GLU A 33 0.43 11.85 11.10
N ALA A 34 1.13 11.63 9.99
CA ALA A 34 0.53 11.04 8.79
C ALA A 34 1.65 10.54 7.91
N LEU A 35 1.29 9.65 6.98
CA LEU A 35 2.25 9.10 6.02
C LEU A 35 1.80 9.44 4.61
N VAL A 36 2.76 9.71 3.73
CA VAL A 36 2.51 9.73 2.30
C VAL A 36 3.29 8.58 1.71
N CYS A 37 2.56 7.65 1.11
CA CYS A 37 3.08 6.50 0.39
C CYS A 37 3.44 6.86 -1.04
N VAL A 38 4.71 6.73 -1.41
CA VAL A 38 5.09 6.85 -2.82
C VAL A 38 4.76 5.53 -3.49
N MET A 39 3.75 5.53 -4.35
CA MET A 39 3.34 4.31 -5.01
C MET A 39 4.24 4.08 -6.21
N ARG A 40 4.60 2.81 -6.48
CA ARG A 40 4.16 1.65 -5.72
C ARG A 40 5.14 1.25 -4.65
N GLY A 41 6.39 1.72 -4.73
CA GLY A 41 7.46 1.17 -3.91
C GLY A 41 7.24 1.26 -2.41
N GLY A 42 6.56 2.30 -1.95
CA GLY A 42 6.34 2.50 -0.54
C GLY A 42 5.10 1.86 0.08
N MET A 43 4.32 1.13 -0.72
CA MET A 43 2.99 0.64 -0.34
C MET A 43 3.05 -0.30 0.86
N THR A 44 3.73 -1.44 0.70
CA THR A 44 3.83 -2.40 1.79
C THR A 44 4.52 -1.78 3.02
N LEU A 45 5.62 -1.06 2.78
CA LEU A 45 6.30 -0.38 3.89
C LEU A 45 5.36 0.57 4.62
N THR A 46 4.63 1.42 3.88
CA THR A 46 3.71 2.33 4.56
C THR A 46 2.57 1.60 5.27
N HIS A 47 2.09 0.49 4.70
CA HIS A 47 1.07 -0.30 5.37
C HIS A 47 1.56 -0.75 6.75
N PHE A 48 2.73 -1.38 6.82
CA PHE A 48 3.28 -1.84 8.10
C PHE A 48 3.56 -0.67 9.06
N LEU A 49 4.15 0.41 8.55
CA LEU A 49 4.51 1.51 9.44
C LEU A 49 3.26 2.17 10.03
N SER A 50 2.24 2.40 9.19
CA SER A 50 1.03 3.07 9.66
C SER A 50 0.30 2.22 10.71
N LEU A 51 0.29 0.89 10.55
CA LEU A 51 -0.29 0.04 11.57
C LEU A 51 0.55 0.03 12.84
N HIS A 52 1.87 0.03 12.68
CA HIS A 52 2.74 0.05 13.86
C HIS A 52 2.55 1.34 14.66
N TRP A 53 2.43 2.48 13.98
CA TRP A 53 2.25 3.76 14.66
C TRP A 53 0.77 4.09 14.92
N ASP A 54 -0.15 3.20 14.57
N ASP A 54 -0.14 3.20 14.56
CA ASP A 54 -1.58 3.39 14.78
CA ASP A 54 -1.58 3.41 14.79
C ASP A 54 -2.08 4.66 14.07
C ASP A 54 -2.06 4.68 14.07
N LEU A 55 -1.58 4.89 12.85
CA LEU A 55 -1.90 6.09 12.08
C LEU A 55 -2.88 5.74 10.98
N ARG A 56 -4.05 6.36 11.02
CA ARG A 56 -5.01 6.18 9.94
C ARG A 56 -4.86 7.18 8.80
N GLU A 57 -4.14 8.28 9.00
CA GLU A 57 -3.98 9.27 7.94
C GLU A 57 -2.85 8.82 7.03
N VAL A 58 -3.22 8.06 6.00
CA VAL A 58 -2.26 7.54 5.03
C VAL A 58 -2.70 8.01 3.65
N TYR A 59 -1.78 8.64 2.92
CA TYR A 59 -2.05 9.25 1.63
C TYR A 59 -1.15 8.57 0.60
N GLY A 60 -1.56 8.60 -0.66
CA GLY A 60 -0.76 8.09 -1.75
C GLY A 60 -0.33 9.21 -2.70
N ILE A 61 0.79 9.00 -3.37
CA ILE A 61 1.22 9.87 -4.46
C ILE A 61 1.98 9.00 -5.46
N ASN A 62 1.90 9.37 -6.74
CA ASN A 62 2.42 8.56 -7.83
C ASN A 62 3.58 9.27 -8.51
N ALA A 63 4.69 8.55 -8.69
CA ALA A 63 5.81 9.05 -9.47
C ALA A 63 6.03 8.05 -10.59
N ILE A 64 5.71 8.44 -11.82
CA ILE A 64 5.75 7.55 -12.98
C ILE A 64 6.68 8.15 -14.03
N SER A 65 7.52 7.30 -14.61
CA SER A 65 8.36 7.70 -15.73
C SER A 65 7.82 7.11 -17.03
N ALA A 74 10.15 13.10 -18.76
CA ALA A 74 9.85 11.69 -18.51
C ALA A 74 9.10 11.48 -17.18
N LEU A 75 9.60 12.10 -16.12
CA LEU A 75 9.04 11.90 -14.79
C LEU A 75 7.84 12.82 -14.58
N LYS A 76 6.74 12.25 -14.10
CA LYS A 76 5.56 13.04 -13.76
C LYS A 76 5.06 12.60 -12.40
N ILE A 77 4.81 13.56 -11.51
CA ILE A 77 4.18 13.29 -10.23
C ILE A 77 2.68 13.49 -10.38
N GLU A 78 1.90 12.47 -10.06
CA GLU A 78 0.46 12.44 -10.29
C GLU A 78 -0.26 12.06 -9.00
N ASN A 79 -1.56 12.38 -8.96
CA ASN A 79 -2.43 12.02 -7.84
C ASN A 79 -1.93 12.67 -6.54
N ILE A 80 -1.65 13.96 -6.62
CA ILE A 80 -1.15 14.72 -5.49
C ILE A 80 -2.19 14.78 -4.38
N PRO A 81 -1.87 14.31 -3.19
CA PRO A 81 -2.87 14.27 -2.12
C PRO A 81 -3.14 15.65 -1.56
N THR A 82 -4.33 15.82 -1.00
CA THR A 82 -4.68 17.01 -0.21
C THR A 82 -4.68 16.57 1.26
N ILE A 83 -3.62 16.93 1.96
CA ILE A 83 -3.46 16.51 3.35
C ILE A 83 -4.26 17.46 4.23
N LYS A 84 -4.95 16.91 5.23
CA LYS A 84 -5.82 17.72 6.07
C LYS A 84 -5.03 18.75 6.87
N ASP A 85 -5.72 19.83 7.25
CA ASP A 85 -5.06 21.00 7.83
C ASP A 85 -4.36 20.70 9.14
N HIS A 86 -4.94 19.82 9.96
CA HIS A 86 -4.44 19.60 11.32
C HIS A 86 -3.22 18.68 11.37
N LEU A 87 -2.76 18.17 10.24
CA LEU A 87 -1.61 17.27 10.18
C LEU A 87 -0.40 18.09 9.77
N LYS A 88 0.63 18.12 10.61
CA LYS A 88 1.79 18.98 10.36
C LYS A 88 3.09 18.23 10.14
N THR A 89 3.32 17.09 10.79
CA THR A 89 4.55 16.32 10.62
C THR A 89 4.23 15.09 9.77
N ILE A 90 4.72 15.09 8.53
CA ILE A 90 4.37 14.09 7.52
C ILE A 90 5.62 13.29 7.17
N LEU A 91 5.50 11.96 7.14
CA LEU A 91 6.59 11.10 6.67
C LEU A 91 6.25 10.56 5.28
N VAL A 92 7.14 10.80 4.32
CA VAL A 92 7.02 10.29 2.96
C VAL A 92 7.91 9.03 2.86
N VAL A 93 7.34 7.92 2.40
CA VAL A 93 8.07 6.65 2.43
C VAL A 93 8.13 6.05 1.02
N ASP A 94 9.30 5.50 0.70
CA ASP A 94 9.57 4.77 -0.53
C ASP A 94 10.56 3.67 -0.19
N GLU A 95 10.81 2.75 -1.13
CA GLU A 95 11.59 1.58 -0.74
C GLU A 95 13.05 1.76 -1.07
N ILE A 96 13.38 2.44 -2.17
CA ILE A 96 14.77 2.65 -2.56
C ILE A 96 14.92 4.04 -3.19
N VAL A 97 16.02 4.70 -2.86
CA VAL A 97 16.40 5.95 -3.52
C VAL A 97 17.56 5.62 -4.45
N ASP A 98 17.33 5.79 -5.75
CA ASP A 98 18.34 5.44 -6.75
C ASP A 98 19.06 6.72 -7.16
N SER A 99 18.50 7.45 -8.13
CA SER A 99 19.01 8.79 -8.43
C SER A 99 18.55 9.81 -7.42
N GLY A 100 17.45 9.54 -6.72
CA GLY A 100 16.77 10.51 -5.89
C GLY A 100 15.83 11.45 -6.64
N ASN A 101 15.74 11.33 -7.97
CA ASN A 101 14.96 12.30 -8.74
C ASN A 101 13.47 12.24 -8.40
N SER A 102 12.93 11.04 -8.23
CA SER A 102 11.49 10.94 -8.01
C SER A 102 11.12 11.35 -6.58
N LEU A 103 11.94 10.97 -5.59
CA LEU A 103 11.65 11.46 -4.24
C LEU A 103 11.80 12.97 -4.14
N GLU A 104 12.83 13.53 -4.78
CA GLU A 104 12.99 14.98 -4.76
C GLU A 104 11.78 15.68 -5.36
N ALA A 105 11.25 15.16 -6.47
CA ALA A 105 10.10 15.77 -7.13
C ALA A 105 8.82 15.57 -6.31
N VAL A 106 8.68 14.43 -5.63
CA VAL A 106 7.55 14.24 -4.72
C VAL A 106 7.56 15.27 -3.60
N LEU A 107 8.70 15.45 -2.95
CA LEU A 107 8.78 16.37 -1.82
C LEU A 107 8.54 17.80 -2.25
N LYS A 108 9.05 18.18 -3.43
CA LYS A 108 8.86 19.53 -3.91
C LYS A 108 7.38 19.84 -4.15
N VAL A 109 6.63 18.92 -4.77
CA VAL A 109 5.21 19.19 -4.99
C VAL A 109 4.45 19.20 -3.67
N LEU A 110 4.76 18.25 -2.76
CA LEU A 110 4.08 18.21 -1.48
C LEU A 110 4.31 19.50 -0.70
N GLN A 111 5.57 19.95 -0.63
CA GLN A 111 5.88 21.18 0.10
C GLN A 111 5.27 22.40 -0.57
N ASP A 112 5.24 22.41 -1.91
CA ASP A 112 4.61 23.51 -2.65
C ASP A 112 3.11 23.58 -2.33
N LYS A 113 2.46 22.42 -2.29
CA LYS A 113 1.02 22.40 -2.05
C LYS A 113 0.67 22.59 -0.58
N HIS A 114 1.57 22.22 0.34
CA HIS A 114 1.32 22.36 1.76
C HIS A 114 2.48 23.11 2.43
N PRO A 115 2.59 24.42 2.17
CA PRO A 115 3.76 25.14 2.68
C PRO A 115 3.82 25.20 4.20
N ASP A 116 2.71 24.89 4.87
CA ASP A 116 2.55 24.92 6.33
C ASP A 116 3.06 23.66 7.03
N LYS A 117 3.36 22.59 6.30
CA LYS A 117 3.64 21.31 6.93
C LYS A 117 5.13 20.99 6.84
N LYS A 118 5.59 20.06 7.69
CA LYS A 118 6.96 19.61 7.56
C LYS A 118 7.00 18.17 7.05
N PHE A 119 7.66 17.97 5.91
CA PHE A 119 7.77 16.66 5.28
C PHE A 119 9.16 16.08 5.51
N TYR A 120 9.20 14.86 6.03
CA TYR A 120 10.42 14.07 6.20
C TYR A 120 10.34 12.86 5.29
N SER A 121 11.48 12.35 4.84
CA SER A 121 11.46 11.20 3.94
C SER A 121 12.25 10.04 4.56
N ALA A 122 11.80 8.83 4.27
CA ALA A 122 12.46 7.62 4.75
C ALA A 122 12.44 6.59 3.64
N SER A 123 13.56 5.86 3.50
CA SER A 123 13.71 4.81 2.52
C SER A 123 14.42 3.63 3.18
N LEU A 124 14.15 2.42 2.71
CA LEU A 124 14.92 1.27 3.20
C LEU A 124 16.34 1.33 2.65
N PHE A 125 16.47 1.52 1.34
CA PHE A 125 17.76 1.50 0.66
C PHE A 125 18.04 2.84 0.00
N GLN A 126 19.31 3.17 -0.11
CA GLN A 126 19.71 4.41 -0.76
C GLN A 126 21.08 4.24 -1.39
N LYS A 127 21.18 4.58 -2.66
CA LYS A 127 22.44 4.29 -3.31
C LYS A 127 23.30 5.51 -3.04
N THR A 128 24.58 5.28 -2.73
CA THR A 128 25.45 6.32 -2.13
C THR A 128 25.69 7.51 -3.06
N SER A 129 25.70 7.28 -4.37
CA SER A 129 25.90 8.34 -5.33
C SER A 129 24.62 9.11 -5.64
N ALA A 130 23.52 8.85 -4.93
CA ALA A 130 22.27 9.56 -5.23
C ALA A 130 22.47 11.06 -5.13
N LYS A 131 21.90 11.78 -6.11
CA LYS A 131 21.99 13.24 -6.11
C LYS A 131 21.10 13.85 -5.04
N TYR A 132 20.03 13.17 -4.68
CA TYR A 132 19.13 13.63 -3.63
C TYR A 132 18.92 12.45 -2.67
N LYS A 133 19.02 12.71 -1.38
CA LYS A 133 18.96 11.63 -0.40
C LYS A 133 17.77 11.81 0.53
N ALA A 134 17.30 10.69 1.07
CA ALA A 134 16.22 10.71 2.04
C ALA A 134 16.74 11.22 3.38
N ASP A 135 15.82 11.71 4.22
CA ASP A 135 16.21 12.10 5.57
C ASP A 135 16.67 10.91 6.38
N ALA A 136 16.06 9.75 6.17
CA ALA A 136 16.38 8.56 6.94
C ALA A 136 16.44 7.38 5.99
N PHE A 137 17.53 6.63 6.03
CA PHE A 137 17.63 5.42 5.23
C PHE A 137 18.45 4.41 6.01
N LEU A 138 18.25 3.12 5.73
CA LEU A 138 18.92 2.07 6.50
C LEU A 138 20.17 1.54 5.84
N LYS A 139 20.12 1.23 4.55
CA LYS A 139 21.18 0.46 3.91
C LYS A 139 21.58 1.07 2.58
N ASP A 140 22.88 0.99 2.27
CA ASP A 140 23.36 1.33 0.95
C ASP A 140 22.74 0.37 -0.06
N ALA A 141 22.38 0.89 -1.22
CA ALA A 141 21.72 0.05 -2.22
C ALA A 141 22.77 -0.75 -2.98
N PRO A 142 22.70 -2.08 -2.98
CA PRO A 142 23.65 -2.88 -3.77
C PRO A 142 23.36 -2.78 -5.26
N GLU A 143 24.22 -3.43 -6.07
CA GLU A 143 24.10 -3.35 -7.52
C GLU A 143 22.68 -3.69 -8.00
N TRP A 144 22.11 -4.78 -7.49
CA TRP A 144 20.68 -5.00 -7.73
C TRP A 144 20.06 -5.83 -6.62
N ILE A 145 18.80 -5.51 -6.35
CA ILE A 145 18.01 -6.08 -5.27
C ILE A 145 16.64 -6.48 -5.82
N ASP A 146 16.32 -7.77 -5.71
CA ASP A 146 14.96 -8.26 -5.88
C ASP A 146 14.21 -8.06 -4.57
N PHE A 147 13.13 -7.29 -4.59
CA PHE A 147 12.30 -7.15 -3.41
C PHE A 147 11.25 -8.24 -3.39
N PHE A 148 10.93 -8.75 -2.19
CA PHE A 148 9.98 -9.85 -2.11
C PHE A 148 8.61 -9.46 -2.70
N TRP A 149 8.18 -8.21 -2.57
CA TRP A 149 6.91 -7.82 -3.18
C TRP A 149 6.97 -7.84 -4.72
N GLU A 150 8.19 -7.86 -5.30
CA GLU A 150 8.37 -7.93 -6.75
C GLU A 150 8.39 -9.38 -7.26
N VAL A 151 9.04 -10.30 -6.54
CA VAL A 151 9.42 -11.59 -7.12
C VAL A 151 8.77 -12.80 -6.45
N ASP A 152 8.39 -12.69 -5.17
CA ASP A 152 7.96 -13.90 -4.46
C ASP A 152 6.76 -14.55 -5.12
N LEU A 153 5.86 -13.73 -5.66
CA LEU A 153 4.61 -14.27 -6.15
C LEU A 153 4.79 -14.95 -7.50
N LYS A 154 5.58 -14.34 -8.40
CA LYS A 154 5.89 -15.04 -9.64
C LYS A 154 6.78 -16.25 -9.40
N ASN A 155 7.64 -16.21 -8.37
CA ASN A 155 8.47 -17.38 -8.08
C ASN A 155 7.62 -18.54 -7.56
N LEU A 156 6.66 -18.25 -6.67
CA LEU A 156 5.75 -19.30 -6.20
C LEU A 156 4.95 -19.89 -7.36
N LYS A 157 4.49 -19.04 -8.28
CA LYS A 157 3.67 -19.53 -9.38
C LYS A 157 4.47 -20.47 -10.27
N SER A 158 5.74 -20.17 -10.51
N SER A 158 5.74 -20.17 -10.49
CA SER A 158 6.54 -20.86 -11.52
CA SER A 158 6.58 -20.82 -11.50
C SER A 158 7.43 -21.94 -10.93
C SER A 158 7.40 -21.98 -10.95
N HIS A 159 7.12 -22.42 -9.72
CA HIS A 159 7.87 -23.53 -9.12
C HIS A 159 6.90 -24.45 -8.40
N HIS B 3 -14.82 -16.60 24.08
CA HIS B 3 -15.70 -16.11 23.02
C HIS B 3 -15.40 -16.80 21.69
N HIS B 4 -14.61 -16.13 20.85
CA HIS B 4 -14.27 -16.62 19.53
C HIS B 4 -12.82 -17.07 19.48
N HIS B 5 -12.56 -18.06 18.63
CA HIS B 5 -11.20 -18.58 18.50
C HIS B 5 -10.37 -17.73 17.52
N HIS B 6 -9.05 -17.84 17.66
CA HIS B 6 -8.10 -16.87 17.15
C HIS B 6 -7.54 -17.36 15.82
N HIS B 7 -7.96 -16.75 14.72
CA HIS B 7 -7.43 -17.08 13.40
C HIS B 7 -6.33 -16.09 13.02
N HIS B 8 -5.35 -16.56 12.24
CA HIS B 8 -4.23 -15.69 11.86
C HIS B 8 -3.88 -15.88 10.39
N TYR B 9 -3.54 -14.79 9.71
CA TYR B 9 -3.21 -14.81 8.28
C TYR B 9 -1.73 -14.50 8.10
N SER B 10 -0.96 -15.48 7.68
CA SER B 10 0.49 -15.35 7.58
C SER B 10 0.91 -14.87 6.18
N TYR B 11 2.18 -14.49 6.05
CA TYR B 11 2.69 -14.07 4.74
C TYR B 11 2.61 -15.21 3.72
N GLU B 12 2.96 -16.43 4.12
CA GLU B 12 2.92 -17.57 3.20
C GLU B 12 1.50 -17.84 2.70
N THR B 13 0.51 -17.76 3.59
CA THR B 13 -0.87 -17.97 3.14
C THR B 13 -1.30 -16.86 2.20
N PHE B 14 -0.87 -15.63 2.50
CA PHE B 14 -1.18 -14.48 1.64
C PHE B 14 -0.64 -14.68 0.22
N LEU B 15 0.57 -15.21 0.07
CA LEU B 15 1.15 -15.42 -1.26
C LEU B 15 0.35 -16.43 -2.07
N LYS B 16 0.06 -17.58 -1.46
CA LYS B 16 -0.76 -18.61 -2.09
C LYS B 16 -2.12 -18.08 -2.50
N ASP B 17 -2.80 -17.38 -1.59
CA ASP B 17 -4.12 -16.85 -1.91
C ASP B 17 -4.05 -15.77 -2.96
N SER B 18 -2.99 -14.97 -2.97
CA SER B 18 -2.92 -13.87 -3.94
C SER B 18 -2.88 -14.42 -5.36
N LEU B 19 -2.21 -15.56 -5.56
CA LEU B 19 -2.20 -16.19 -6.88
C LEU B 19 -3.60 -16.62 -7.27
N GLU B 20 -4.37 -17.14 -6.32
CA GLU B 20 -5.73 -17.55 -6.62
C GLU B 20 -6.59 -16.33 -6.91
N LEU B 21 -6.37 -15.26 -6.15
CA LEU B 21 -7.10 -14.01 -6.39
C LEU B 21 -6.83 -13.50 -7.80
N VAL B 22 -5.57 -13.52 -8.22
CA VAL B 22 -5.21 -13.11 -9.58
C VAL B 22 -6.01 -13.93 -10.59
N LYS B 23 -6.05 -15.25 -10.38
CA LYS B 23 -6.74 -16.11 -11.32
C LYS B 23 -8.22 -15.79 -11.38
N GLN B 24 -8.85 -15.59 -10.23
CA GLN B 24 -10.28 -15.34 -10.27
C GLN B 24 -10.59 -13.97 -10.85
N VAL B 25 -9.79 -12.94 -10.54
CA VAL B 25 -10.05 -11.63 -11.14
C VAL B 25 -9.95 -11.72 -12.65
N GLU B 26 -8.91 -12.37 -13.16
CA GLU B 26 -8.77 -12.48 -14.61
C GLU B 26 -9.95 -13.23 -15.24
N GLN B 27 -10.56 -14.15 -14.51
CA GLN B 27 -11.74 -14.82 -15.06
C GLN B 27 -12.91 -13.85 -15.23
N ILE B 28 -13.11 -12.94 -14.28
CA ILE B 28 -14.30 -12.10 -14.27
C ILE B 28 -14.13 -10.84 -15.12
N CYS B 29 -12.95 -10.23 -15.13
CA CYS B 29 -12.80 -9.00 -15.90
C CYS B 29 -11.49 -8.89 -16.67
N GLY B 30 -10.71 -9.97 -16.78
CA GLY B 30 -9.39 -9.87 -17.38
C GLY B 30 -8.43 -9.16 -16.43
N VAL B 31 -7.23 -8.91 -16.93
CA VAL B 31 -6.28 -8.11 -16.16
C VAL B 31 -6.79 -6.68 -16.06
N PRO B 32 -6.88 -6.11 -14.86
CA PRO B 32 -7.33 -4.71 -14.72
C PRO B 32 -6.39 -3.73 -15.39
N GLU B 33 -6.92 -2.59 -15.82
CA GLU B 33 -6.05 -1.53 -16.32
C GLU B 33 -5.55 -0.57 -15.22
N ALA B 34 -6.16 -0.60 -14.04
CA ALA B 34 -5.70 0.21 -12.92
C ALA B 34 -6.27 -0.40 -11.64
N LEU B 35 -5.65 -0.06 -10.51
CA LEU B 35 -6.11 -0.51 -9.20
C LEU B 35 -6.49 0.69 -8.37
N VAL B 36 -7.56 0.54 -7.59
CA VAL B 36 -7.83 1.45 -6.47
C VAL B 36 -7.65 0.65 -5.19
N CYS B 37 -6.64 1.04 -4.43
CA CYS B 37 -6.35 0.48 -3.12
C CYS B 37 -7.23 1.10 -2.04
N VAL B 38 -8.01 0.31 -1.33
CA VAL B 38 -8.68 0.84 -0.14
C VAL B 38 -7.67 0.87 1.00
N MET B 39 -7.28 2.07 1.44
CA MET B 39 -6.31 2.21 2.51
C MET B 39 -7.00 2.16 3.87
N ARG B 40 -6.35 1.53 4.86
CA ARG B 40 -5.04 0.89 4.78
C ARG B 40 -5.08 -0.59 4.38
N GLY B 41 -6.23 -1.23 4.60
CA GLY B 41 -6.30 -2.68 4.55
C GLY B 41 -5.79 -3.29 3.25
N GLY B 42 -5.99 -2.60 2.12
CA GLY B 42 -5.62 -3.13 0.82
C GLY B 42 -4.19 -2.85 0.36
N MET B 43 -3.38 -2.13 1.14
CA MET B 43 -2.09 -1.63 0.66
C MET B 43 -1.12 -2.73 0.24
N THR B 44 -0.82 -3.68 1.13
CA THR B 44 0.13 -4.73 0.78
C THR B 44 -0.39 -5.57 -0.38
N LEU B 45 -1.67 -5.94 -0.32
CA LEU B 45 -2.25 -6.76 -1.39
C LEU B 45 -2.16 -6.04 -2.73
N THR B 46 -2.55 -4.76 -2.76
CA THR B 46 -2.52 -4.01 -4.01
C THR B 46 -1.08 -3.79 -4.49
N HIS B 47 -0.12 -3.70 -3.56
CA HIS B 47 1.29 -3.63 -3.95
C HIS B 47 1.70 -4.88 -4.70
N PHE B 48 1.43 -6.05 -4.12
CA PHE B 48 1.76 -7.29 -4.78
C PHE B 48 1.01 -7.46 -6.11
N LEU B 49 -0.28 -7.10 -6.14
CA LEU B 49 -1.05 -7.28 -7.37
C LEU B 49 -0.57 -6.34 -8.47
N SER B 50 -0.29 -5.08 -8.13
CA SER B 50 0.11 -4.13 -9.16
C SER B 50 1.47 -4.52 -9.78
N LEU B 51 2.40 -5.00 -8.96
CA LEU B 51 3.67 -5.48 -9.51
C LEU B 51 3.49 -6.74 -10.35
N HIS B 52 2.65 -7.67 -9.88
CA HIS B 52 2.42 -8.90 -10.64
C HIS B 52 1.87 -8.62 -12.03
N TRP B 53 0.94 -7.66 -12.14
CA TRP B 53 0.32 -7.31 -13.41
C TRP B 53 1.03 -6.17 -14.12
N ASP B 54 2.15 -5.70 -13.57
CA ASP B 54 2.94 -4.63 -14.15
C ASP B 54 2.08 -3.37 -14.33
N LEU B 55 1.26 -3.08 -13.33
CA LEU B 55 0.33 -1.95 -13.36
C LEU B 55 0.94 -0.77 -12.64
N ARG B 56 1.17 0.33 -13.36
CA ARG B 56 1.68 1.54 -12.73
C ARG B 56 0.56 2.47 -12.26
N GLU B 57 -0.66 2.28 -12.77
CA GLU B 57 -1.80 3.12 -12.40
C GLU B 57 -2.42 2.55 -11.14
N VAL B 58 -1.92 2.99 -9.98
CA VAL B 58 -2.45 2.54 -8.71
C VAL B 58 -2.89 3.78 -7.95
N TYR B 59 -4.15 3.80 -7.56
CA TYR B 59 -4.78 4.91 -6.86
C TYR B 59 -5.12 4.48 -5.44
N GLY B 60 -5.23 5.45 -4.54
CA GLY B 60 -5.66 5.16 -3.18
C GLY B 60 -7.00 5.80 -2.83
N ILE B 61 -7.68 5.27 -1.83
CA ILE B 61 -8.91 5.86 -1.30
C ILE B 61 -9.06 5.43 0.15
N ASN B 62 -9.58 6.33 0.98
CA ASN B 62 -9.79 6.10 2.41
C ASN B 62 -11.27 6.19 2.75
N ALA B 63 -11.66 5.45 3.79
CA ALA B 63 -12.99 5.59 4.40
C ALA B 63 -12.84 5.75 5.91
N ILE B 64 -13.80 6.44 6.52
CA ILE B 64 -13.96 6.47 7.98
C ILE B 64 -13.79 5.06 8.56
N ALA B 74 -23.02 6.30 8.22
CA ALA B 74 -22.07 7.02 9.05
C ALA B 74 -20.66 6.91 8.48
N LEU B 75 -20.54 7.08 7.16
CA LEU B 75 -19.27 6.89 6.49
C LEU B 75 -19.02 7.99 5.48
N LYS B 76 -17.83 8.58 5.54
CA LYS B 76 -17.38 9.52 4.52
C LYS B 76 -16.15 8.92 3.82
N ILE B 77 -16.18 8.91 2.49
CA ILE B 77 -15.09 8.40 1.69
C ILE B 77 -14.15 9.54 1.37
N GLU B 78 -12.85 9.29 1.57
CA GLU B 78 -11.91 10.39 1.60
C GLU B 78 -10.88 10.20 0.49
N ASN B 79 -10.27 11.30 0.06
CA ASN B 79 -9.15 11.24 -0.87
C ASN B 79 -9.57 10.50 -2.16
N ILE B 80 -10.65 10.96 -2.78
CA ILE B 80 -11.24 10.24 -3.91
C ILE B 80 -10.39 10.45 -5.16
N PRO B 81 -9.84 9.39 -5.76
CA PRO B 81 -8.95 9.59 -6.91
C PRO B 81 -9.69 10.11 -8.12
N THR B 82 -8.93 10.71 -9.03
CA THR B 82 -9.42 11.09 -10.35
C THR B 82 -8.69 10.20 -11.36
N ILE B 83 -9.42 9.20 -11.87
CA ILE B 83 -8.82 8.17 -12.73
C ILE B 83 -8.78 8.68 -14.16
N LYS B 84 -7.64 8.48 -14.83
CA LYS B 84 -7.47 8.94 -16.21
C LYS B 84 -8.56 8.41 -17.14
N ASP B 85 -8.89 9.20 -18.17
CA ASP B 85 -10.01 8.85 -19.05
C ASP B 85 -9.80 7.52 -19.77
N HIS B 86 -8.59 7.25 -20.26
CA HIS B 86 -8.40 6.06 -21.05
C HIS B 86 -8.42 4.76 -20.24
N LEU B 87 -8.44 4.83 -18.90
CA LEU B 87 -8.51 3.62 -18.09
C LEU B 87 -9.96 3.20 -17.91
N LYS B 88 -10.32 2.02 -18.42
CA LYS B 88 -11.71 1.60 -18.41
C LYS B 88 -12.03 0.49 -17.40
N THR B 89 -11.13 -0.45 -17.15
CA THR B 89 -11.41 -1.56 -16.24
C THR B 89 -10.56 -1.39 -14.98
N ILE B 90 -11.22 -1.12 -13.85
CA ILE B 90 -10.59 -0.75 -12.60
C ILE B 90 -10.90 -1.82 -11.56
N LEU B 91 -9.89 -2.24 -10.80
CA LEU B 91 -10.08 -3.20 -9.71
C LEU B 91 -9.89 -2.48 -8.37
N VAL B 92 -10.91 -2.55 -7.53
CA VAL B 92 -10.86 -2.02 -6.16
C VAL B 92 -10.47 -3.14 -5.21
N VAL B 93 -9.47 -2.90 -4.37
CA VAL B 93 -8.81 -3.95 -3.60
C VAL B 93 -8.87 -3.62 -2.11
N ASP B 94 -9.30 -4.59 -1.30
CA ASP B 94 -9.30 -4.49 0.17
C ASP B 94 -8.99 -5.87 0.74
N GLU B 95 -8.68 -5.93 2.04
CA GLU B 95 -8.22 -7.23 2.53
C GLU B 95 -9.39 -8.04 3.10
N ILE B 96 -10.35 -7.36 3.73
CA ILE B 96 -11.50 -8.05 4.33
C ILE B 96 -12.74 -7.16 4.20
N VAL B 97 -13.87 -7.80 3.96
CA VAL B 97 -15.18 -7.15 3.94
C VAL B 97 -15.94 -7.66 5.15
N ASP B 98 -16.23 -6.76 6.09
CA ASP B 98 -16.85 -7.13 7.37
C ASP B 98 -18.36 -6.86 7.29
N SER B 99 -18.78 -5.64 7.55
CA SER B 99 -20.17 -5.29 7.30
C SER B 99 -20.45 -5.06 5.82
N GLY B 100 -19.44 -4.70 5.03
CA GLY B 100 -19.63 -4.29 3.65
C GLY B 100 -19.93 -2.81 3.45
N ASN B 101 -20.13 -2.06 4.53
CA ASN B 101 -20.51 -0.66 4.39
C ASN B 101 -19.42 0.16 3.72
N SER B 102 -18.16 -0.07 4.10
N SER B 102 -18.15 -0.07 4.08
CA SER B 102 -17.06 0.73 3.53
CA SER B 102 -17.08 0.75 3.52
C SER B 102 -16.91 0.47 2.04
C SER B 102 -16.90 0.47 2.03
N LEU B 103 -16.83 -0.80 1.66
CA LEU B 103 -16.63 -1.14 0.24
C LEU B 103 -17.79 -0.62 -0.60
N GLU B 104 -19.03 -0.76 -0.09
CA GLU B 104 -20.18 -0.26 -0.84
C GLU B 104 -20.08 1.24 -1.07
N ALA B 105 -19.67 1.98 -0.04
CA ALA B 105 -19.55 3.43 -0.15
C ALA B 105 -18.42 3.81 -1.10
N VAL B 106 -17.31 3.08 -1.05
CA VAL B 106 -16.19 3.32 -1.95
C VAL B 106 -16.62 3.14 -3.39
N LEU B 107 -17.25 2.00 -3.70
CA LEU B 107 -17.69 1.78 -5.07
C LEU B 107 -18.72 2.82 -5.49
N LYS B 108 -19.56 3.26 -4.56
CA LYS B 108 -20.58 4.25 -4.90
C LYS B 108 -19.95 5.55 -5.37
N VAL B 109 -18.98 6.08 -4.60
CA VAL B 109 -18.38 7.35 -4.98
C VAL B 109 -17.53 7.19 -6.25
N LEU B 110 -16.85 6.05 -6.40
CA LEU B 110 -16.01 5.85 -7.57
C LEU B 110 -16.84 5.77 -8.85
N GLN B 111 -17.96 5.05 -8.82
CA GLN B 111 -18.78 4.92 -10.01
C GLN B 111 -19.53 6.20 -10.33
N ASP B 112 -19.99 6.92 -9.30
CA ASP B 112 -20.60 8.23 -9.52
C ASP B 112 -19.63 9.17 -10.24
N LYS B 113 -18.39 9.18 -9.79
CA LYS B 113 -17.44 10.14 -10.33
C LYS B 113 -16.98 9.73 -11.74
N HIS B 114 -16.96 8.43 -12.03
CA HIS B 114 -16.51 7.89 -13.30
C HIS B 114 -17.59 6.97 -13.88
N PRO B 115 -18.70 7.53 -14.37
CA PRO B 115 -19.81 6.67 -14.83
C PRO B 115 -19.47 5.80 -16.03
N ASP B 116 -18.48 6.18 -16.85
CA ASP B 116 -18.14 5.40 -18.04
C ASP B 116 -17.23 4.22 -17.77
N LYS B 117 -16.73 4.06 -16.55
CA LYS B 117 -15.76 3.03 -16.23
C LYS B 117 -16.43 1.84 -15.55
N LYS B 118 -15.77 0.68 -15.63
CA LYS B 118 -16.25 -0.55 -15.00
C LYS B 118 -15.36 -0.89 -13.82
N PHE B 119 -15.95 -0.87 -12.64
CA PHE B 119 -15.23 -1.12 -11.39
C PHE B 119 -15.61 -2.50 -10.89
N TYR B 120 -14.61 -3.32 -10.61
CA TYR B 120 -14.77 -4.61 -9.97
C TYR B 120 -14.08 -4.55 -8.61
N SER B 121 -14.57 -5.33 -7.65
CA SER B 121 -13.96 -5.34 -6.32
C SER B 121 -13.46 -6.74 -5.98
N ALA B 122 -12.34 -6.78 -5.25
CA ALA B 122 -11.74 -8.04 -4.79
C ALA B 122 -11.27 -7.88 -3.35
N SER B 123 -11.45 -8.95 -2.57
CA SER B 123 -11.06 -9.00 -1.18
C SER B 123 -10.53 -10.40 -0.92
N LEU B 124 -9.59 -10.53 0.00
CA LEU B 124 -9.17 -11.87 0.39
C LEU B 124 -10.25 -12.55 1.23
N PHE B 125 -10.77 -11.85 2.25
CA PHE B 125 -11.75 -12.39 3.17
C PHE B 125 -13.09 -11.66 3.04
N GLN B 126 -14.17 -12.38 3.35
CA GLN B 126 -15.51 -11.85 3.17
C GLN B 126 -16.43 -12.47 4.21
N LYS B 127 -17.00 -11.65 5.10
CA LYS B 127 -18.05 -12.14 6.00
C LYS B 127 -19.28 -12.60 5.23
N THR B 128 -19.77 -13.80 5.54
CA THR B 128 -20.98 -14.30 4.90
C THR B 128 -22.21 -13.45 5.24
N SER B 129 -22.20 -12.77 6.39
CA SER B 129 -23.32 -11.92 6.80
C SER B 129 -23.25 -10.50 6.26
N ALA B 130 -22.20 -10.13 5.53
CA ALA B 130 -22.08 -8.74 5.06
C ALA B 130 -23.23 -8.37 4.14
N LYS B 131 -23.68 -7.11 4.23
CA LYS B 131 -24.78 -6.66 3.36
C LYS B 131 -24.32 -6.42 1.94
N TYR B 132 -23.02 -6.41 1.73
CA TYR B 132 -22.43 -6.06 0.43
C TYR B 132 -21.20 -6.93 0.28
N LYS B 133 -21.06 -7.57 -0.87
CA LYS B 133 -19.98 -8.53 -1.06
C LYS B 133 -19.14 -8.14 -2.26
N ALA B 134 -17.83 -8.39 -2.15
CA ALA B 134 -16.93 -8.09 -3.25
C ALA B 134 -17.26 -8.98 -4.44
N ASP B 135 -16.94 -8.49 -5.65
CA ASP B 135 -17.18 -9.30 -6.83
C ASP B 135 -16.34 -10.56 -6.79
N ALA B 136 -15.15 -10.50 -6.19
CA ALA B 136 -14.28 -11.65 -6.05
C ALA B 136 -13.78 -11.70 -4.61
N PHE B 137 -13.94 -12.85 -3.97
CA PHE B 137 -13.33 -13.06 -2.67
C PHE B 137 -12.95 -14.53 -2.58
N LEU B 138 -12.00 -14.83 -1.69
CA LEU B 138 -11.51 -16.20 -1.58
C LEU B 138 -12.03 -16.94 -0.37
N LYS B 139 -12.23 -16.28 0.78
CA LYS B 139 -12.41 -17.02 2.02
C LYS B 139 -13.45 -16.36 2.91
N ASP B 140 -14.28 -17.19 3.55
CA ASP B 140 -15.23 -16.69 4.53
C ASP B 140 -14.48 -16.17 5.74
N ALA B 141 -14.89 -15.00 6.23
CA ALA B 141 -14.21 -14.36 7.35
C ALA B 141 -14.74 -14.90 8.67
N PRO B 142 -13.88 -15.36 9.56
CA PRO B 142 -14.33 -15.72 10.91
C PRO B 142 -14.48 -14.45 11.74
N GLU B 143 -15.02 -14.62 12.95
CA GLU B 143 -15.23 -13.49 13.84
C GLU B 143 -13.91 -12.85 14.27
N TRP B 144 -12.86 -13.63 14.44
CA TRP B 144 -11.59 -13.08 14.91
C TRP B 144 -10.48 -13.57 14.00
N ILE B 145 -9.91 -12.66 13.22
CA ILE B 145 -8.73 -13.00 12.43
C ILE B 145 -7.85 -11.77 12.42
N ASP B 146 -6.55 -11.96 12.61
CA ASP B 146 -5.61 -10.87 12.43
C ASP B 146 -4.66 -11.24 11.31
N PHE B 147 -3.89 -10.26 10.86
CA PHE B 147 -3.10 -10.33 9.63
C PHE B 147 -1.63 -10.03 9.93
N PHE B 148 -0.74 -10.64 9.16
CA PHE B 148 0.68 -10.47 9.43
C PHE B 148 1.11 -9.00 9.37
N TRP B 149 0.50 -8.18 8.50
CA TRP B 149 0.86 -6.76 8.50
C TRP B 149 0.39 -6.02 9.76
N GLU B 150 -0.53 -6.61 10.53
CA GLU B 150 -0.95 -6.04 11.81
C GLU B 150 -0.08 -6.50 12.97
N VAL B 151 0.34 -7.76 13.00
CA VAL B 151 0.88 -8.34 14.24
C VAL B 151 2.34 -8.75 14.16
N ASP B 152 2.91 -8.98 12.98
CA ASP B 152 4.26 -9.55 12.93
C ASP B 152 5.31 -8.61 13.54
N LEU B 153 5.20 -7.29 13.31
CA LEU B 153 6.25 -6.38 13.74
C LEU B 153 6.41 -6.38 15.24
N LYS B 154 5.31 -6.38 15.98
CA LYS B 154 5.33 -6.23 17.43
C LYS B 154 5.69 -7.49 18.14
N ASN B 155 5.25 -8.63 17.63
CA ASN B 155 5.80 -9.86 18.16
C ASN B 155 7.32 -9.94 17.93
N LEU B 156 7.76 -9.42 16.80
CA LEU B 156 9.20 -9.34 16.58
C LEU B 156 9.85 -8.37 17.56
N LYS B 157 9.22 -7.22 17.82
CA LYS B 157 9.76 -6.31 18.83
C LYS B 157 9.69 -6.92 20.22
N SER B 158 8.68 -7.75 20.49
CA SER B 158 8.55 -8.35 21.82
C SER B 158 9.68 -9.32 22.12
N HIS B 159 10.23 -9.96 21.10
CA HIS B 159 11.29 -10.95 21.28
C HIS B 159 12.66 -10.27 21.36
#